data_6BWG
#
_entry.id   6BWG
#
_cell.length_a   66.546
_cell.length_b   109.058
_cell.length_c   166.498
_cell.angle_alpha   90.00
_cell.angle_beta   90.00
_cell.angle_gamma   90.00
#
_symmetry.space_group_name_H-M   'C 2 2 21'
#
loop_
_entity.id
_entity.type
_entity.pdbx_description
1 polymer '2-phospho-L-lactate guanylyltransferase'
2 water water
#
_entity_poly.entity_id   1
_entity_poly.type   'polypeptide(L)'
_entity_poly.pdbx_seq_one_letter_code
;MGSSHHHHHHSQDPVSGTPDDGDIGLIIAVKRLAAAKTRLAPVFSAQTRENVVLAMLVDTLTAAAGVGSLRSITVITPDE
AAAAAAAGLGADVLADPTPEDDPDPLNTAITAAERVVAEGASNIVVLQGDLPALQTQELAEAISAARHHRRSFVADRLGT
GTAVLCAFGTALHPRFGPDSSARHRRSGAVELTGAWPGLRCDVDTPADLTAARQLGVGPATARAVAHR
;
_entity_poly.pdbx_strand_id   A,B,C
#
# COMPACT_ATOMS: atom_id res chain seq x y z
N ASP A 21 -19.34 -1.64 26.55
CA ASP A 21 -17.94 -1.17 26.78
C ASP A 21 -16.98 -2.32 26.47
N GLY A 22 -15.68 -2.00 26.42
CA GLY A 22 -14.67 -2.82 25.76
C GLY A 22 -14.08 -3.86 26.68
N ASP A 23 -13.28 -4.76 26.10
CA ASP A 23 -12.67 -5.86 26.85
C ASP A 23 -11.15 -5.93 26.63
N ILE A 24 -10.58 -4.98 25.89
CA ILE A 24 -9.15 -5.02 25.55
C ILE A 24 -8.41 -4.00 26.41
N GLY A 25 -7.36 -4.48 27.10
CA GLY A 25 -6.38 -3.62 27.74
C GLY A 25 -5.22 -3.35 26.79
N LEU A 26 -5.14 -2.13 26.26
CA LEU A 26 -4.07 -1.74 25.33
C LEU A 26 -2.89 -1.15 26.11
N ILE A 27 -1.67 -1.59 25.76
CA ILE A 27 -0.44 -1.12 26.35
C ILE A 27 0.44 -0.49 25.25
N ILE A 28 1.01 0.68 25.57
CA ILE A 28 2.06 1.31 24.80
C ILE A 28 3.22 1.62 25.75
N ALA A 29 4.43 1.19 25.38
CA ALA A 29 5.65 1.52 26.11
C ALA A 29 6.43 2.60 25.34
N VAL A 30 6.90 3.62 26.07
CA VAL A 30 7.61 4.76 25.51
C VAL A 30 8.90 4.95 26.30
N LYS A 31 10.05 4.93 25.63
CA LYS A 31 11.36 5.23 26.26
C LYS A 31 11.54 6.74 26.44
N ARG A 32 12.58 7.12 27.18
CA ARG A 32 13.03 8.52 27.31
C ARG A 32 13.16 9.16 25.92
N LEU A 33 12.62 10.37 25.76
CA LEU A 33 12.55 11.05 24.46
C LEU A 33 13.95 11.40 23.94
N ALA A 34 14.89 11.71 24.85
CA ALA A 34 16.27 12.02 24.45
C ALA A 34 16.93 10.81 23.78
N ALA A 35 16.60 9.61 24.25
CA ALA A 35 17.13 8.36 23.72
C ALA A 35 16.45 7.99 22.38
N ALA A 36 15.22 8.46 22.15
CA ALA A 36 14.31 7.87 21.15
C ALA A 36 14.64 8.30 19.72
N LYS A 37 14.53 7.33 18.81
CA LYS A 37 14.51 7.52 17.36
C LYS A 37 15.78 8.26 16.93
N THR A 38 16.93 7.70 17.32
CA THR A 38 18.23 8.34 17.07
C THR A 38 18.56 8.37 15.57
N ARG A 39 18.01 7.44 14.79
CA ARG A 39 18.22 7.45 13.34
C ARG A 39 17.41 8.57 12.65
N LEU A 40 16.58 9.33 13.40
CA LEU A 40 15.94 10.53 12.83
C LEU A 40 16.81 11.78 13.03
N ALA A 41 17.91 11.65 13.79
CA ALA A 41 18.79 12.79 14.13
C ALA A 41 19.33 13.49 12.89
N PRO A 42 19.68 12.79 11.80
CA PRO A 42 20.18 13.45 10.59
C PRO A 42 19.22 14.44 9.91
N VAL A 43 17.93 14.38 10.22
CA VAL A 43 16.95 15.26 9.57
C VAL A 43 16.22 16.16 10.59
N PHE A 44 16.52 16.04 11.89
CA PHE A 44 15.88 16.90 12.89
C PHE A 44 16.90 17.34 13.95
N SER A 45 16.82 18.61 14.35
CA SER A 45 17.42 19.10 15.60
C SER A 45 16.85 18.29 16.77
N ALA A 46 17.60 18.19 17.88
CA ALA A 46 17.24 17.29 18.99
C ALA A 46 15.85 17.61 19.53
N GLN A 47 15.54 18.90 19.68
CA GLN A 47 14.23 19.30 20.30
C GLN A 47 13.08 18.94 19.35
N THR A 48 13.33 19.08 18.05
CA THR A 48 12.36 18.79 17.02
C THR A 48 12.18 17.27 16.93
N ARG A 49 13.26 16.51 17.11
CA ARG A 49 13.19 15.05 17.10
C ARG A 49 12.32 14.57 18.27
N GLU A 50 12.54 15.11 19.47
CA GLU A 50 11.75 14.73 20.64
C GLU A 50 10.27 15.08 20.42
N ASN A 51 10.04 16.23 19.79
CA ASN A 51 8.71 16.74 19.51
C ASN A 51 8.00 15.79 18.52
N VAL A 52 8.73 15.26 17.54
CA VAL A 52 8.15 14.37 16.54
C VAL A 52 7.78 13.04 17.23
N VAL A 53 8.65 12.53 18.11
CA VAL A 53 8.39 11.26 18.81
C VAL A 53 7.14 11.41 19.66
N LEU A 54 7.04 12.50 20.43
CA LEU A 54 5.87 12.77 21.28
C LEU A 54 4.60 12.87 20.43
N ALA A 55 4.69 13.60 19.32
CA ALA A 55 3.56 13.85 18.44
C ALA A 55 3.05 12.55 17.81
N MET A 56 3.97 11.66 17.44
CA MET A 56 3.61 10.36 16.89
C MET A 56 2.86 9.55 17.95
N LEU A 57 3.26 9.64 19.22
CA LEU A 57 2.55 8.99 20.34
C LEU A 57 1.13 9.56 20.45
N VAL A 58 1.02 10.90 20.37
CA VAL A 58 -0.26 11.57 20.51
C VAL A 58 -1.22 11.11 19.40
N ASP A 59 -0.73 11.07 18.16
CA ASP A 59 -1.55 10.66 17.02
C ASP A 59 -1.93 9.18 17.15
N THR A 60 -1.00 8.35 17.62
CA THR A 60 -1.26 6.91 17.80
C THR A 60 -2.36 6.74 18.86
N LEU A 61 -2.23 7.43 19.99
CA LEU A 61 -3.19 7.37 21.09
C LEU A 61 -4.58 7.83 20.63
N THR A 62 -4.60 8.91 19.84
CA THR A 62 -5.84 9.51 19.37
C THR A 62 -6.61 8.50 18.50
N ALA A 63 -5.89 7.86 17.56
CA ALA A 63 -6.47 6.86 16.66
C ALA A 63 -6.96 5.66 17.46
N ALA A 64 -6.13 5.19 18.40
CA ALA A 64 -6.42 4.01 19.23
C ALA A 64 -7.68 4.23 20.08
N ALA A 65 -7.85 5.44 20.60
CA ALA A 65 -8.93 5.76 21.54
C ALA A 65 -10.30 5.65 20.87
N GLY A 66 -10.34 5.66 19.54
CA GLY A 66 -11.59 5.51 18.78
C GLY A 66 -12.07 4.07 18.70
N VAL A 67 -11.21 3.11 19.09
CA VAL A 67 -11.50 1.68 18.92
C VAL A 67 -12.44 1.23 20.06
N GLY A 68 -13.65 0.81 19.68
CA GLY A 68 -14.74 0.48 20.60
C GLY A 68 -14.42 -0.69 21.51
N SER A 69 -13.55 -1.61 21.08
CA SER A 69 -13.25 -2.83 21.85
C SER A 69 -12.32 -2.54 23.03
N LEU A 70 -11.71 -1.35 23.08
CA LEU A 70 -10.75 -1.03 24.14
C LEU A 70 -11.51 -0.73 25.44
N ARG A 71 -11.03 -1.36 26.53
CA ARG A 71 -11.47 -1.09 27.90
C ARG A 71 -10.58 0.01 28.49
N SER A 72 -9.28 -0.04 28.19
CA SER A 72 -8.32 0.93 28.70
C SER A 72 -7.14 1.07 27.74
N ILE A 73 -6.43 2.19 27.88
CA ILE A 73 -5.13 2.41 27.30
C ILE A 73 -4.19 2.78 28.43
N THR A 74 -3.07 2.05 28.53
CA THR A 74 -2.06 2.27 29.53
C THR A 74 -0.74 2.55 28.81
N VAL A 75 -0.13 3.69 29.16
CA VAL A 75 1.17 4.06 28.64
C VAL A 75 2.17 3.92 29.77
N ILE A 76 3.22 3.13 29.55
CA ILE A 76 4.29 2.99 30.53
C ILE A 76 5.53 3.70 30.00
N THR A 77 6.07 4.62 30.81
CA THR A 77 7.16 5.45 30.36
C THR A 77 7.89 6.06 31.56
N PRO A 78 9.24 6.16 31.51
CA PRO A 78 10.00 6.95 32.46
C PRO A 78 10.11 8.44 32.09
N ASP A 79 9.58 8.82 30.91
CA ASP A 79 9.65 10.17 30.39
C ASP A 79 8.41 10.96 30.86
N GLU A 80 8.64 11.95 31.73
CA GLU A 80 7.56 12.72 32.35
C GLU A 80 6.78 13.54 31.32
N ALA A 81 7.45 13.96 30.23
CA ALA A 81 6.76 14.71 29.16
C ALA A 81 5.77 13.79 28.43
N ALA A 82 6.21 12.57 28.12
CA ALA A 82 5.37 11.58 27.46
C ALA A 82 4.25 11.17 28.41
N ALA A 83 4.57 11.03 29.71
CA ALA A 83 3.57 10.67 30.72
C ALA A 83 2.45 11.71 30.74
N ALA A 84 2.84 12.99 30.83
CA ALA A 84 1.90 14.10 30.88
C ALA A 84 1.01 14.11 29.63
N ALA A 85 1.63 13.92 28.46
CA ALA A 85 0.91 13.95 27.19
C ALA A 85 -0.16 12.85 27.15
N ALA A 86 0.23 11.62 27.53
CA ALA A 86 -0.68 10.47 27.51
C ALA A 86 -1.83 10.69 28.50
N ALA A 87 -1.48 11.08 29.74
CA ALA A 87 -2.46 11.30 30.80
C ALA A 87 -3.43 12.42 30.40
N GLY A 88 -2.89 13.46 29.75
CA GLY A 88 -3.66 14.59 29.24
C GLY A 88 -4.64 14.22 28.13
N LEU A 89 -4.50 13.02 27.54
CA LEU A 89 -5.46 12.51 26.55
C LEU A 89 -6.41 11.50 27.18
N GLY A 90 -6.30 11.26 28.49
CA GLY A 90 -7.20 10.35 29.22
C GLY A 90 -6.71 8.92 29.24
N ALA A 91 -5.42 8.70 28.94
CA ALA A 91 -4.82 7.37 29.13
C ALA A 91 -4.45 7.17 30.60
N ASP A 92 -4.43 5.92 31.02
CA ASP A 92 -3.73 5.48 32.22
C ASP A 92 -2.23 5.59 31.94
N VAL A 93 -1.45 5.89 32.98
CA VAL A 93 -0.01 6.01 32.89
C VAL A 93 0.62 5.23 34.04
N LEU A 94 1.68 4.49 33.72
CA LEU A 94 2.53 3.85 34.72
C LEU A 94 3.93 4.43 34.58
N ALA A 95 4.52 4.85 35.71
CA ALA A 95 5.93 5.19 35.75
C ALA A 95 6.73 3.90 35.54
N ASP A 96 7.71 3.99 34.66
CA ASP A 96 8.58 2.87 34.35
C ASP A 96 9.79 2.95 35.27
N PRO A 97 9.95 2.05 36.26
CA PRO A 97 11.09 2.09 37.18
C PRO A 97 12.31 1.26 36.73
N THR A 98 12.21 0.61 35.57
CA THR A 98 13.23 -0.27 35.01
C THR A 98 14.59 0.43 35.04
N PRO A 99 15.63 -0.17 35.68
CA PRO A 99 16.95 0.44 35.72
C PRO A 99 17.55 0.64 34.32
N GLU A 100 18.57 1.50 34.27
CA GLU A 100 19.21 1.92 33.03
C GLU A 100 20.03 0.75 32.47
N ASP A 101 20.48 -0.16 33.35
CA ASP A 101 21.42 -1.21 33.02
C ASP A 101 20.70 -2.55 32.80
N ASP A 102 19.35 -2.55 32.83
CA ASP A 102 18.56 -3.72 32.43
C ASP A 102 18.89 -4.05 30.97
N PRO A 103 19.29 -5.30 30.64
CA PRO A 103 19.63 -5.67 29.26
C PRO A 103 18.50 -5.57 28.22
N ASP A 104 17.24 -5.66 28.67
CA ASP A 104 16.07 -5.67 27.78
C ASP A 104 15.00 -4.76 28.36
N PRO A 105 15.22 -3.42 28.37
CA PRO A 105 14.31 -2.50 29.04
C PRO A 105 12.90 -2.43 28.41
N LEU A 106 12.79 -2.69 27.10
CA LEU A 106 11.52 -2.57 26.40
C LEU A 106 10.55 -3.67 26.87
N ASN A 107 10.99 -4.94 26.83
CA ASN A 107 10.12 -6.06 27.19
C ASN A 107 9.89 -6.08 28.71
N THR A 108 10.86 -5.60 29.49
CA THR A 108 10.72 -5.48 30.95
C THR A 108 9.55 -4.52 31.26
N ALA A 109 9.53 -3.38 30.57
CA ALA A 109 8.47 -2.38 30.74
C ALA A 109 7.10 -2.95 30.36
N ILE A 110 7.06 -3.67 29.23
CA ILE A 110 5.80 -4.23 28.74
C ILE A 110 5.26 -5.26 29.74
N THR A 111 6.15 -6.12 30.24
CA THR A 111 5.80 -7.17 31.19
C THR A 111 5.28 -6.53 32.49
N ALA A 112 5.93 -5.44 32.92
CA ALA A 112 5.54 -4.71 34.13
C ALA A 112 4.13 -4.11 33.96
N ALA A 113 3.89 -3.48 32.81
CA ALA A 113 2.56 -2.91 32.51
C ALA A 113 1.51 -4.04 32.45
N GLU A 114 1.90 -5.17 31.84
CA GLU A 114 1.02 -6.33 31.67
C GLU A 114 0.51 -6.81 33.05
N ARG A 115 1.41 -6.89 34.03
CA ARG A 115 1.06 -7.37 35.37
C ARG A 115 -0.05 -6.49 35.96
N VAL A 116 0.02 -5.18 35.73
CA VAL A 116 -0.98 -4.23 36.24
C VAL A 116 -2.28 -4.38 35.44
N VAL A 117 -2.17 -4.35 34.10
CA VAL A 117 -3.35 -4.35 33.23
C VAL A 117 -4.12 -5.66 33.37
N ALA A 118 -3.40 -6.76 33.61
CA ALA A 118 -3.99 -8.11 33.74
C ALA A 118 -5.01 -8.15 34.90
N GLU A 119 -4.85 -7.26 35.89
CA GLU A 119 -5.81 -7.22 37.02
C GLU A 119 -7.21 -6.89 36.49
N GLY A 120 -7.31 -6.09 35.42
CA GLY A 120 -8.57 -5.53 34.94
C GLY A 120 -9.01 -6.00 33.56
N ALA A 121 -8.17 -6.78 32.86
CA ALA A 121 -8.53 -7.27 31.54
C ALA A 121 -7.85 -8.63 31.31
N SER A 122 -8.58 -9.52 30.62
CA SER A 122 -8.11 -10.86 30.25
C SER A 122 -7.41 -10.81 28.88
N ASN A 123 -7.75 -9.80 28.08
CA ASN A 123 -7.29 -9.66 26.71
C ASN A 123 -6.45 -8.38 26.60
N ILE A 124 -5.17 -8.55 26.27
CA ILE A 124 -4.19 -7.47 26.31
C ILE A 124 -3.52 -7.35 24.93
N VAL A 125 -3.34 -6.10 24.49
CA VAL A 125 -2.77 -5.77 23.18
C VAL A 125 -1.66 -4.74 23.41
N VAL A 126 -0.45 -5.05 22.91
CA VAL A 126 0.68 -4.13 22.94
C VAL A 126 0.82 -3.48 21.55
N LEU A 127 0.82 -2.14 21.54
CA LEU A 127 0.88 -1.35 20.32
C LEU A 127 2.12 -0.46 20.39
N GLN A 128 2.83 -0.33 19.26
CA GLN A 128 3.92 0.63 19.12
C GLN A 128 3.34 2.04 19.23
N GLY A 129 4.14 2.98 19.74
CA GLY A 129 3.70 4.35 19.96
C GLY A 129 4.21 5.29 18.87
N ASP A 130 4.68 4.73 17.74
CA ASP A 130 5.24 5.51 16.65
C ASP A 130 4.50 5.16 15.34
N LEU A 131 3.16 5.23 15.38
CA LEU A 131 2.29 4.89 14.28
C LEU A 131 1.45 6.11 13.89
N PRO A 132 2.08 7.21 13.44
CA PRO A 132 1.36 8.48 13.25
C PRO A 132 0.29 8.45 12.15
N ALA A 133 0.36 7.49 11.22
CA ALA A 133 -0.63 7.34 10.15
C ALA A 133 -1.71 6.32 10.51
N LEU A 134 -1.70 5.81 11.75
CA LEU A 134 -2.68 4.80 12.17
C LEU A 134 -4.08 5.38 12.04
N GLN A 135 -4.99 4.59 11.45
CA GLN A 135 -6.42 4.88 11.41
C GLN A 135 -7.12 3.96 12.41
N THR A 136 -8.12 4.52 13.12
CA THR A 136 -8.89 3.77 14.13
C THR A 136 -9.33 2.42 13.57
N GLN A 137 -9.94 2.43 12.38
CA GLN A 137 -10.53 1.24 11.74
C GLN A 137 -9.45 0.15 11.58
N GLU A 138 -8.21 0.54 11.28
CA GLU A 138 -7.12 -0.41 11.07
C GLU A 138 -6.89 -1.23 12.34
N LEU A 139 -6.78 -0.55 13.49
CA LEU A 139 -6.54 -1.21 14.76
C LEU A 139 -7.74 -2.07 15.14
N ALA A 140 -8.96 -1.53 14.96
CA ALA A 140 -10.20 -2.24 15.26
C ALA A 140 -10.23 -3.58 14.53
N GLU A 141 -9.88 -3.55 13.24
CA GLU A 141 -9.88 -4.73 12.38
C GLU A 141 -8.81 -5.72 12.83
N ALA A 142 -7.60 -5.21 13.14
CA ALA A 142 -6.50 -6.06 13.59
C ALA A 142 -6.93 -6.82 14.86
N ILE A 143 -7.56 -6.12 15.79
CA ILE A 143 -8.00 -6.70 17.06
C ILE A 143 -9.10 -7.75 16.79
N SER A 144 -10.05 -7.45 15.89
CA SER A 144 -11.08 -8.41 15.48
C SER A 144 -10.44 -9.70 14.95
N ALA A 145 -9.43 -9.56 14.10
CA ALA A 145 -8.71 -10.71 13.53
C ALA A 145 -7.97 -11.46 14.63
N ALA A 146 -7.39 -10.74 15.59
CA ALA A 146 -6.62 -11.31 16.70
C ALA A 146 -7.50 -12.18 17.60
N ARG A 147 -8.78 -11.85 17.74
CA ARG A 147 -9.74 -12.58 18.61
C ARG A 147 -9.84 -14.06 18.22
N HIS A 148 -9.53 -14.41 16.98
CA HIS A 148 -9.57 -15.77 16.46
C HIS A 148 -8.34 -16.58 16.91
N HIS A 149 -7.43 -15.98 17.69
CA HIS A 149 -6.21 -16.67 18.13
C HIS A 149 -5.93 -16.35 19.60
N ARG A 150 -5.12 -17.22 20.23
CA ARG A 150 -4.63 -17.01 21.59
C ARG A 150 -3.59 -15.90 21.58
N ARG A 151 -2.54 -16.07 20.77
CA ARG A 151 -1.49 -15.07 20.59
C ARG A 151 -1.31 -14.82 19.09
N SER A 152 -1.23 -13.53 18.73
CA SER A 152 -1.11 -13.09 17.35
C SER A 152 -0.38 -11.74 17.30
N PHE A 153 0.12 -11.39 16.12
CA PHE A 153 0.87 -10.14 15.93
C PHE A 153 0.70 -9.64 14.49
N VAL A 154 0.95 -8.35 14.31
CA VAL A 154 1.05 -7.71 13.00
C VAL A 154 2.49 -7.25 12.83
N ALA A 155 3.14 -7.71 11.76
CA ALA A 155 4.47 -7.28 11.41
C ALA A 155 4.40 -5.85 10.91
N ASP A 156 5.50 -5.11 11.08
CA ASP A 156 5.58 -3.74 10.58
C ASP A 156 5.84 -3.78 9.06
N ARG A 157 5.90 -2.59 8.46
CA ARG A 157 5.96 -2.36 7.01
C ARG A 157 7.08 -3.15 6.35
N LEU A 158 8.27 -3.16 6.96
CA LEU A 158 9.46 -3.79 6.35
C LEU A 158 9.60 -5.25 6.83
N GLY A 159 8.73 -5.69 7.73
CA GLY A 159 8.52 -7.10 7.99
C GLY A 159 9.38 -7.68 9.10
N THR A 160 10.40 -6.95 9.56
CA THR A 160 11.34 -7.45 10.58
C THR A 160 10.84 -7.18 12.01
N GLY A 161 10.03 -6.12 12.18
CA GLY A 161 9.53 -5.68 13.50
C GLY A 161 8.06 -6.00 13.70
N THR A 162 7.51 -5.56 14.83
CA THR A 162 6.16 -5.89 15.27
C THR A 162 5.40 -4.61 15.61
N ALA A 163 4.28 -4.37 14.90
CA ALA A 163 3.44 -3.19 15.13
C ALA A 163 2.51 -3.40 16.33
N VAL A 164 1.98 -4.63 16.44
CA VAL A 164 1.01 -4.97 17.48
C VAL A 164 1.21 -6.45 17.86
N LEU A 165 1.13 -6.72 19.17
CA LEU A 165 1.10 -8.07 19.73
C LEU A 165 -0.17 -8.21 20.57
N CYS A 166 -0.88 -9.32 20.38
CA CYS A 166 -2.18 -9.57 20.99
C CYS A 166 -2.19 -10.90 21.75
N ALA A 167 -2.76 -10.87 22.96
CA ALA A 167 -2.90 -12.07 23.79
C ALA A 167 -4.31 -12.09 24.38
N PHE A 168 -5.08 -13.14 24.04
CA PHE A 168 -6.44 -13.32 24.51
C PHE A 168 -6.47 -14.48 25.52
N GLY A 169 -6.61 -14.12 26.80
CA GLY A 169 -6.74 -15.07 27.88
C GLY A 169 -5.46 -15.83 28.14
N THR A 170 -4.31 -15.24 27.79
CA THR A 170 -3.01 -15.87 28.01
C THR A 170 -1.94 -14.77 28.11
N ALA A 171 -0.76 -15.14 28.59
CA ALA A 171 0.33 -14.19 28.80
C ALA A 171 0.87 -13.71 27.44
N LEU A 172 1.38 -12.47 27.41
CA LEU A 172 1.84 -11.85 26.16
C LEU A 172 3.13 -12.53 25.68
N HIS A 173 4.07 -12.79 26.59
CA HIS A 173 5.44 -13.21 26.25
C HIS A 173 6.01 -12.28 25.18
N PRO A 174 6.22 -10.99 25.49
CA PRO A 174 6.67 -10.03 24.48
C PRO A 174 8.14 -10.27 24.11
N ARG A 175 8.45 -10.10 22.83
CA ARG A 175 9.77 -10.27 22.28
C ARG A 175 10.08 -9.10 21.35
N PHE A 176 9.71 -7.89 21.80
CA PHE A 176 9.96 -6.67 21.04
C PHE A 176 11.46 -6.39 21.03
N GLY A 177 11.88 -5.56 20.08
CA GLY A 177 13.29 -5.29 19.83
C GLY A 177 13.73 -5.81 18.46
N PRO A 178 15.05 -5.98 18.24
CA PRO A 178 15.56 -6.49 16.97
C PRO A 178 14.90 -7.82 16.58
N ASP A 179 14.43 -7.91 15.32
CA ASP A 179 13.96 -9.17 14.73
C ASP A 179 12.74 -9.70 15.51
N SER A 180 11.86 -8.79 15.95
CA SER A 180 10.74 -9.15 16.84
C SER A 180 9.69 -9.99 16.10
N SER A 181 9.49 -9.73 14.81
CA SER A 181 8.51 -10.49 14.02
C SER A 181 8.88 -11.98 14.06
N ALA A 182 10.15 -12.29 13.78
CA ALA A 182 10.65 -13.67 13.76
C ALA A 182 10.53 -14.29 15.16
N ARG A 183 10.91 -13.51 16.18
CA ARG A 183 10.89 -13.99 17.56
C ARG A 183 9.44 -14.26 18.01
N HIS A 184 8.51 -13.36 17.65
CA HIS A 184 7.10 -13.56 17.97
C HIS A 184 6.56 -14.82 17.28
N ARG A 185 6.92 -14.99 16.01
CA ARG A 185 6.54 -16.15 15.21
C ARG A 185 7.02 -17.44 15.88
N ARG A 186 8.30 -17.47 16.30
CA ARG A 186 8.90 -18.64 16.97
C ARG A 186 8.15 -18.94 18.27
N SER A 187 7.72 -17.90 18.99
CA SER A 187 7.03 -18.02 20.28
C SER A 187 5.64 -18.64 20.11
N GLY A 188 5.14 -18.74 18.86
CA GLY A 188 3.86 -19.36 18.57
C GLY A 188 2.76 -18.35 18.30
N ALA A 189 3.12 -17.05 18.27
CA ALA A 189 2.16 -16.01 17.91
C ALA A 189 1.89 -16.08 16.42
N VAL A 190 0.60 -16.12 16.04
CA VAL A 190 0.19 -16.23 14.65
C VAL A 190 0.24 -14.85 14.01
N GLU A 191 0.84 -14.78 12.81
CA GLU A 191 0.93 -13.52 12.07
C GLU A 191 -0.42 -13.23 11.41
N LEU A 192 -0.94 -12.02 11.66
CA LEU A 192 -2.14 -11.52 11.00
C LEU A 192 -1.71 -10.77 9.72
N THR A 193 -2.51 -10.97 8.67
CA THR A 193 -2.42 -10.27 7.44
C THR A 193 -3.69 -9.43 7.40
N GLY A 194 -3.75 -8.54 6.45
CA GLY A 194 -4.55 -7.37 6.58
C GLY A 194 -3.62 -6.24 6.21
N ALA A 195 -3.99 -5.49 5.18
CA ALA A 195 -3.13 -4.45 4.60
C ALA A 195 -2.74 -3.45 5.70
N TRP A 196 -3.76 -2.82 6.32
CA TRP A 196 -3.59 -1.93 7.46
C TRP A 196 -2.29 -1.12 7.35
N PRO A 197 -2.05 -0.35 6.27
CA PRO A 197 -0.77 0.31 6.09
C PRO A 197 -0.39 1.27 7.24
N GLY A 198 -1.37 2.00 7.79
CA GLY A 198 -1.15 2.93 8.90
C GLY A 198 -0.70 2.23 10.17
N LEU A 199 -1.23 1.03 10.41
CA LEU A 199 -0.84 0.19 11.55
C LEU A 199 0.60 -0.33 11.39
N ARG A 200 1.00 -0.62 10.15
CA ARG A 200 2.27 -1.28 9.87
C ARG A 200 3.42 -0.25 9.79
N CYS A 201 3.07 1.02 9.52
CA CYS A 201 4.07 2.02 9.24
C CYS A 201 4.62 2.65 10.53
N ASP A 202 5.45 1.89 11.23
CA ASP A 202 6.24 2.43 12.33
C ASP A 202 7.35 3.32 11.76
N VAL A 203 7.79 4.29 12.53
CA VAL A 203 8.76 5.28 12.08
C VAL A 203 10.02 5.18 12.95
N ASP A 204 11.06 4.58 12.36
CA ASP A 204 12.41 4.48 12.92
C ASP A 204 13.38 5.36 12.14
N THR A 205 13.32 5.28 10.81
CA THR A 205 14.26 5.94 9.89
C THR A 205 13.56 7.08 9.16
N PRO A 206 14.32 8.02 8.54
CA PRO A 206 13.72 9.05 7.70
C PRO A 206 12.84 8.48 6.58
N ALA A 207 13.28 7.36 5.98
CA ALA A 207 12.51 6.66 4.95
C ALA A 207 11.14 6.23 5.49
N ASP A 208 11.11 5.70 6.72
CA ASP A 208 9.87 5.30 7.37
C ASP A 208 8.94 6.51 7.53
N LEU A 209 9.52 7.66 7.91
CA LEU A 209 8.73 8.87 8.13
C LEU A 209 8.14 9.36 6.80
N THR A 210 8.92 9.26 5.72
CA THR A 210 8.46 9.66 4.38
C THR A 210 7.22 8.83 4.01
N ALA A 211 7.33 7.51 4.21
CA ALA A 211 6.24 6.58 3.92
C ALA A 211 4.99 6.92 4.74
N ALA A 212 5.17 7.21 6.04
CA ALA A 212 4.06 7.53 6.93
C ALA A 212 3.33 8.78 6.44
N ARG A 213 4.12 9.79 6.06
CA ARG A 213 3.59 11.07 5.64
C ARG A 213 2.78 10.93 4.35
N GLN A 214 3.18 9.98 3.48
CA GLN A 214 2.43 9.72 2.25
C GLN A 214 1.08 9.07 2.58
N LEU A 215 1.05 8.21 3.61
CA LEU A 215 -0.21 7.59 4.04
C LEU A 215 -1.14 8.65 4.64
N GLY A 216 -0.54 9.63 5.33
CA GLY A 216 -1.28 10.68 5.99
C GLY A 216 -1.16 10.54 7.49
N VAL A 217 -0.34 11.41 8.10
CA VAL A 217 -0.11 11.43 9.53
C VAL A 217 -1.19 12.31 10.19
N GLY A 218 -1.42 12.07 11.48
CA GLY A 218 -2.35 12.86 12.26
C GLY A 218 -1.84 14.28 12.47
N PRO A 219 -2.68 15.18 13.02
CA PRO A 219 -2.34 16.59 13.15
C PRO A 219 -1.12 16.92 14.04
N ALA A 220 -0.87 16.10 15.08
CA ALA A 220 0.24 16.38 15.98
C ALA A 220 1.57 16.20 15.23
N THR A 221 1.68 15.09 14.49
CA THR A 221 2.89 14.80 13.72
C THR A 221 3.04 15.80 12.57
N ALA A 222 1.93 16.13 11.91
CA ALA A 222 1.92 17.15 10.83
C ALA A 222 2.55 18.45 11.34
N ARG A 223 2.12 18.89 12.53
CA ARG A 223 2.61 20.11 13.13
C ARG A 223 4.12 19.99 13.44
N ALA A 224 4.52 18.85 14.03
CA ALA A 224 5.88 18.67 14.53
C ALA A 224 6.89 18.63 13.36
N VAL A 225 6.53 17.94 12.29
CA VAL A 225 7.37 17.90 11.09
C VAL A 225 7.05 19.14 10.26
N GLY B 22 -19.99 -4.05 -15.07
CA GLY B 22 -20.15 -2.61 -14.75
C GLY B 22 -21.19 -1.95 -15.64
N ASP B 23 -21.90 -0.96 -15.09
CA ASP B 23 -22.98 -0.27 -15.80
C ASP B 23 -22.80 1.26 -15.76
N ILE B 24 -21.71 1.74 -15.16
CA ILE B 24 -21.49 3.18 -14.97
C ILE B 24 -20.47 3.68 -16.00
N GLY B 25 -20.86 4.72 -16.73
CA GLY B 25 -19.94 5.49 -17.56
C GLY B 25 -19.43 6.70 -16.79
N LEU B 26 -18.15 6.66 -16.40
CA LEU B 26 -17.52 7.75 -15.66
C LEU B 26 -16.88 8.75 -16.61
N ILE B 27 -17.12 10.04 -16.35
CA ILE B 27 -16.53 11.15 -17.09
C ILE B 27 -15.67 12.00 -16.13
N ILE B 28 -14.47 12.35 -16.58
CA ILE B 28 -13.61 13.34 -15.95
C ILE B 28 -13.27 14.41 -16.98
N ALA B 29 -13.47 15.68 -16.61
CA ALA B 29 -13.01 16.81 -17.44
C ALA B 29 -11.76 17.42 -16.81
N VAL B 30 -10.76 17.69 -17.66
CA VAL B 30 -9.57 18.45 -17.30
C VAL B 30 -9.46 19.63 -18.29
N LYS B 31 -9.89 20.80 -17.82
CA LYS B 31 -9.95 22.02 -18.61
C LYS B 31 -9.46 23.20 -17.76
N ARG B 32 -9.18 24.31 -18.44
CA ARG B 32 -8.63 25.52 -17.81
C ARG B 32 -7.38 25.13 -17.02
N LEU B 33 -6.46 24.42 -17.71
CA LEU B 33 -5.21 23.91 -17.14
C LEU B 33 -4.31 25.06 -16.67
N ALA B 34 -4.28 26.15 -17.44
CA ALA B 34 -3.46 27.31 -17.12
C ALA B 34 -3.93 27.95 -15.81
N ALA B 35 -5.25 27.94 -15.58
CA ALA B 35 -5.86 28.51 -14.37
C ALA B 35 -5.60 27.61 -13.15
N ALA B 36 -5.49 26.30 -13.35
CA ALA B 36 -5.21 25.33 -12.28
C ALA B 36 -3.73 25.40 -11.88
N LYS B 37 -2.86 25.57 -12.87
CA LYS B 37 -1.42 25.75 -12.65
C LYS B 37 -1.21 27.04 -11.84
N THR B 38 -1.92 28.10 -12.21
CA THR B 38 -1.78 29.42 -11.61
C THR B 38 -2.25 29.40 -10.15
N ARG B 39 -3.23 28.54 -9.79
CA ARG B 39 -3.73 28.52 -8.42
C ARG B 39 -2.72 27.83 -7.49
N LEU B 40 -1.92 26.90 -8.04
CA LEU B 40 -0.87 26.23 -7.25
C LEU B 40 0.47 26.96 -7.36
N ALA B 41 0.50 28.05 -8.14
CA ALA B 41 1.72 28.79 -8.50
C ALA B 41 2.51 29.24 -7.27
N PRO B 42 1.88 29.69 -6.17
CA PRO B 42 2.63 30.15 -5.00
C PRO B 42 3.55 29.11 -4.34
N VAL B 43 3.31 27.80 -4.58
CA VAL B 43 4.14 26.78 -3.92
C VAL B 43 4.82 25.85 -4.95
N PHE B 44 4.67 26.11 -6.25
CA PHE B 44 5.34 25.30 -7.26
C PHE B 44 5.91 26.19 -8.37
N SER B 45 7.15 25.89 -8.76
CA SER B 45 7.82 26.53 -9.88
C SER B 45 6.99 26.30 -11.15
N ALA B 46 7.10 27.23 -12.11
CA ALA B 46 6.34 27.20 -13.36
C ALA B 46 6.50 25.85 -14.07
N GLN B 47 7.74 25.33 -14.10
CA GLN B 47 8.03 24.14 -14.88
C GLN B 47 7.46 22.87 -14.21
N THR B 48 7.10 22.89 -12.91
CA THR B 48 6.62 21.66 -12.23
C THR B 48 5.10 21.66 -11.97
N ARG B 49 4.40 22.75 -12.30
CA ARG B 49 2.98 22.87 -12.00
C ARG B 49 2.18 21.83 -12.79
N GLU B 50 2.51 21.69 -14.09
CA GLU B 50 1.89 20.73 -14.99
C GLU B 50 2.01 19.31 -14.41
N ASN B 51 3.17 18.99 -13.84
CA ASN B 51 3.44 17.65 -13.32
C ASN B 51 2.51 17.32 -12.15
N VAL B 52 2.23 18.30 -11.28
CA VAL B 52 1.36 18.07 -10.14
C VAL B 52 -0.08 17.85 -10.64
N VAL B 53 -0.51 18.65 -11.61
CA VAL B 53 -1.87 18.54 -12.15
C VAL B 53 -2.05 17.16 -12.79
N LEU B 54 -1.09 16.73 -13.61
CA LEU B 54 -1.13 15.43 -14.29
C LEU B 54 -1.19 14.30 -13.26
N ALA B 55 -0.34 14.41 -12.24
CA ALA B 55 -0.20 13.36 -11.21
C ALA B 55 -1.52 13.20 -10.43
N MET B 56 -2.17 14.33 -10.14
CA MET B 56 -3.46 14.29 -9.44
C MET B 56 -4.51 13.57 -10.29
N LEU B 57 -4.48 13.80 -11.61
CA LEU B 57 -5.36 13.09 -12.56
C LEU B 57 -5.06 11.59 -12.54
N VAL B 58 -3.78 11.23 -12.56
CA VAL B 58 -3.34 9.85 -12.58
C VAL B 58 -3.84 9.12 -11.32
N ASP B 59 -3.66 9.74 -10.16
CA ASP B 59 -4.07 9.14 -8.90
C ASP B 59 -5.61 9.03 -8.84
N THR B 60 -6.31 10.05 -9.36
CA THR B 60 -7.78 10.02 -9.39
C THR B 60 -8.26 8.85 -10.26
N LEU B 61 -7.69 8.74 -11.46
CA LEU B 61 -8.05 7.69 -12.41
C LEU B 61 -7.77 6.31 -11.82
N THR B 62 -6.62 6.18 -11.14
CA THR B 62 -6.17 4.90 -10.60
C THR B 62 -7.18 4.42 -9.55
N ALA B 63 -7.57 5.32 -8.63
CA ALA B 63 -8.52 5.01 -7.58
C ALA B 63 -9.89 4.65 -8.18
N ALA B 64 -10.32 5.46 -9.16
CA ALA B 64 -11.62 5.29 -9.82
C ALA B 64 -11.72 3.94 -10.54
N ALA B 65 -10.62 3.51 -11.18
CA ALA B 65 -10.58 2.31 -12.01
C ALA B 65 -10.82 1.05 -11.19
N GLY B 66 -10.63 1.13 -9.87
CA GLY B 66 -10.85 0.01 -8.97
C GLY B 66 -12.33 -0.23 -8.67
N VAL B 67 -13.20 0.71 -9.05
CA VAL B 67 -14.63 0.62 -8.74
C VAL B 67 -15.30 -0.37 -9.69
N GLY B 68 -15.84 -1.46 -9.13
CA GLY B 68 -16.40 -2.59 -9.88
C GLY B 68 -17.60 -2.22 -10.75
N SER B 69 -18.36 -1.19 -10.34
CA SER B 69 -19.59 -0.79 -11.05
C SER B 69 -19.29 -0.04 -12.35
N LEU B 70 -18.03 0.39 -12.56
CA LEU B 70 -17.67 1.16 -13.76
C LEU B 70 -17.62 0.23 -14.98
N ARG B 71 -18.27 0.68 -16.05
CA ARG B 71 -18.20 0.10 -17.38
C ARG B 71 -17.06 0.75 -18.17
N SER B 72 -16.89 2.08 -18.02
CA SER B 72 -15.87 2.83 -18.76
C SER B 72 -15.46 4.09 -17.99
N ILE B 73 -14.27 4.60 -18.35
CA ILE B 73 -13.82 5.92 -17.94
C ILE B 73 -13.46 6.72 -19.19
N THR B 74 -14.01 7.94 -19.30
CA THR B 74 -13.73 8.86 -20.37
C THR B 74 -13.19 10.17 -19.78
N VAL B 75 -12.03 10.61 -20.25
CA VAL B 75 -11.45 11.88 -19.88
C VAL B 75 -11.57 12.82 -21.08
N ILE B 76 -12.15 14.01 -20.85
CA ILE B 76 -12.18 15.05 -21.89
C ILE B 76 -11.21 16.16 -21.49
N THR B 77 -10.29 16.48 -22.40
CA THR B 77 -9.25 17.46 -22.14
C THR B 77 -8.64 17.94 -23.45
N PRO B 78 -8.32 19.25 -23.56
CA PRO B 78 -7.49 19.76 -24.66
C PRO B 78 -5.98 19.68 -24.39
N ASP B 79 -5.60 19.22 -23.20
CA ASP B 79 -4.19 19.09 -22.80
C ASP B 79 -3.68 17.70 -23.20
N GLU B 80 -2.78 17.68 -24.18
CA GLU B 80 -2.27 16.44 -24.80
C GLU B 80 -1.49 15.61 -23.77
N ALA B 81 -0.84 16.25 -22.79
CA ALA B 81 -0.10 15.53 -21.75
C ALA B 81 -1.08 14.78 -20.84
N ALA B 82 -2.17 15.46 -20.46
CA ALA B 82 -3.22 14.86 -19.64
C ALA B 82 -3.92 13.75 -20.44
N ALA B 83 -4.14 13.99 -21.73
CA ALA B 83 -4.76 13.00 -22.62
C ALA B 83 -3.91 11.72 -22.65
N ALA B 84 -2.61 11.88 -22.87
CA ALA B 84 -1.68 10.75 -22.96
C ALA B 84 -1.69 9.97 -21.64
N ALA B 85 -1.65 10.69 -20.50
CA ALA B 85 -1.63 10.06 -19.19
C ALA B 85 -2.90 9.21 -18.98
N ALA B 86 -4.06 9.79 -19.29
CA ALA B 86 -5.36 9.11 -19.14
C ALA B 86 -5.44 7.87 -20.04
N ALA B 87 -5.09 8.06 -21.33
CA ALA B 87 -5.14 6.99 -22.33
C ALA B 87 -4.17 5.85 -21.93
N GLY B 88 -3.00 6.24 -21.39
CA GLY B 88 -1.98 5.30 -20.91
C GLY B 88 -2.43 4.46 -19.73
N LEU B 89 -3.52 4.87 -19.06
CA LEU B 89 -4.11 4.09 -17.95
C LEU B 89 -5.37 3.35 -18.40
N GLY B 90 -5.66 3.37 -19.70
CA GLY B 90 -6.74 2.57 -20.28
C GLY B 90 -8.06 3.31 -20.36
N ALA B 91 -8.05 4.63 -20.12
CA ALA B 91 -9.23 5.43 -20.26
C ALA B 91 -9.46 5.79 -21.74
N ASP B 92 -10.73 6.00 -22.08
CA ASP B 92 -11.14 6.69 -23.26
C ASP B 92 -10.78 8.16 -23.10
N VAL B 93 -10.44 8.81 -24.21
CA VAL B 93 -10.08 10.21 -24.20
C VAL B 93 -10.82 10.91 -25.35
N LEU B 94 -11.37 12.08 -25.03
CA LEU B 94 -11.99 12.96 -26.01
C LEU B 94 -11.20 14.25 -26.01
N ALA B 95 -10.61 14.58 -27.17
CA ALA B 95 -9.93 15.84 -27.35
C ALA B 95 -11.01 16.93 -27.35
N ASP B 96 -10.79 17.97 -26.55
CA ASP B 96 -11.86 18.90 -26.21
C ASP B 96 -11.90 20.01 -27.25
N PRO B 97 -12.91 20.05 -28.14
CA PRO B 97 -12.94 21.03 -29.24
C PRO B 97 -13.73 22.31 -28.90
N THR B 98 -14.25 22.41 -27.68
CA THR B 98 -15.18 23.48 -27.28
C THR B 98 -14.56 24.85 -27.61
N PRO B 99 -15.25 25.72 -28.38
CA PRO B 99 -14.72 27.03 -28.73
C PRO B 99 -14.38 27.89 -27.51
N ASP B 102 -17.43 30.07 -26.38
CA ASP B 102 -18.55 29.39 -25.75
C ASP B 102 -18.76 29.99 -24.35
N PRO B 103 -19.99 30.45 -24.00
CA PRO B 103 -20.26 31.02 -22.68
C PRO B 103 -20.00 30.11 -21.46
N ASP B 104 -20.14 28.80 -21.65
CA ASP B 104 -20.05 27.82 -20.55
C ASP B 104 -19.24 26.62 -21.02
N PRO B 105 -17.91 26.78 -21.22
CA PRO B 105 -17.09 25.75 -21.85
C PRO B 105 -17.02 24.42 -21.09
N LEU B 106 -17.07 24.47 -19.75
CA LEU B 106 -16.87 23.26 -18.94
C LEU B 106 -18.07 22.31 -19.12
N ASN B 107 -19.27 22.84 -18.96
CA ASN B 107 -20.50 22.06 -18.99
C ASN B 107 -20.79 21.61 -20.44
N THR B 108 -20.41 22.43 -21.42
CA THR B 108 -20.54 22.09 -22.83
C THR B 108 -19.68 20.84 -23.13
N ALA B 109 -18.45 20.83 -22.62
CA ALA B 109 -17.54 19.69 -22.78
C ALA B 109 -18.12 18.43 -22.12
N ILE B 110 -18.66 18.58 -20.90
CA ILE B 110 -19.23 17.44 -20.17
C ILE B 110 -20.43 16.86 -20.95
N THR B 111 -21.29 17.74 -21.47
CA THR B 111 -22.48 17.35 -22.22
C THR B 111 -22.05 16.60 -23.50
N ALA B 112 -20.98 17.08 -24.14
CA ALA B 112 -20.44 16.46 -25.35
C ALA B 112 -19.90 15.06 -25.01
N ALA B 113 -19.15 14.94 -23.91
CA ALA B 113 -18.64 13.65 -23.43
C ALA B 113 -19.81 12.71 -23.10
N GLU B 114 -20.86 13.25 -22.49
CA GLU B 114 -22.05 12.47 -22.10
C GLU B 114 -22.67 11.80 -23.33
N ARG B 115 -22.80 12.54 -24.43
CA ARG B 115 -23.36 12.00 -25.67
C ARG B 115 -22.57 10.77 -26.15
N VAL B 116 -21.24 10.81 -26.00
CA VAL B 116 -20.34 9.73 -26.41
C VAL B 116 -20.48 8.55 -25.44
N VAL B 117 -20.41 8.83 -24.14
CA VAL B 117 -20.43 7.78 -23.11
C VAL B 117 -21.78 7.06 -23.12
N ALA B 118 -22.84 7.81 -23.42
CA ALA B 118 -24.22 7.32 -23.50
C ALA B 118 -24.34 6.13 -24.48
N GLU B 119 -23.45 6.05 -25.48
CA GLU B 119 -23.48 4.92 -26.43
C GLU B 119 -23.29 3.59 -25.68
N GLY B 120 -22.54 3.61 -24.57
CA GLY B 120 -22.16 2.38 -23.84
C GLY B 120 -22.77 2.26 -22.45
N ALA B 121 -23.29 3.35 -21.89
CA ALA B 121 -23.82 3.31 -20.53
C ALA B 121 -25.00 4.27 -20.38
N SER B 122 -26.00 3.84 -19.61
CA SER B 122 -27.26 4.59 -19.37
C SER B 122 -27.17 5.39 -18.06
N ASN B 123 -26.18 5.04 -17.24
CA ASN B 123 -25.90 5.62 -15.94
C ASN B 123 -24.51 6.26 -16.02
N ILE B 124 -24.47 7.59 -15.84
CA ILE B 124 -23.28 8.39 -16.11
C ILE B 124 -22.95 9.20 -14.85
N VAL B 125 -21.66 9.25 -14.53
CA VAL B 125 -21.13 9.87 -13.33
C VAL B 125 -19.97 10.77 -13.76
N VAL B 126 -20.05 12.05 -13.39
CA VAL B 126 -19.00 13.03 -13.64
C VAL B 126 -18.22 13.25 -12.34
N LEU B 127 -16.89 13.08 -12.42
CA LEU B 127 -15.97 13.14 -11.31
C LEU B 127 -14.92 14.23 -11.60
N GLN B 128 -14.54 15.00 -10.57
CA GLN B 128 -13.42 15.94 -10.65
C GLN B 128 -12.13 15.15 -10.89
N GLY B 129 -11.17 15.76 -11.60
CA GLY B 129 -9.88 15.12 -11.98
C GLY B 129 -8.73 15.49 -11.06
N ASP B 130 -9.05 16.11 -9.93
CA ASP B 130 -8.06 16.66 -9.00
C ASP B 130 -8.37 16.14 -7.59
N LEU B 131 -8.48 14.81 -7.47
CA LEU B 131 -8.83 14.14 -6.21
C LEU B 131 -7.72 13.16 -5.85
N PRO B 132 -6.47 13.63 -5.57
CA PRO B 132 -5.34 12.74 -5.38
C PRO B 132 -5.43 11.82 -4.14
N ALA B 133 -6.28 12.17 -3.18
CA ALA B 133 -6.49 11.36 -1.97
C ALA B 133 -7.73 10.47 -2.11
N LEU B 134 -8.34 10.40 -3.30
CA LEU B 134 -9.50 9.53 -3.50
C LEU B 134 -9.12 8.08 -3.21
N GLN B 135 -9.99 7.39 -2.45
CA GLN B 135 -9.91 5.94 -2.24
C GLN B 135 -11.05 5.29 -3.04
N THR B 136 -10.75 4.16 -3.69
CA THR B 136 -11.69 3.40 -4.51
C THR B 136 -13.04 3.27 -3.79
N GLN B 137 -13.01 2.77 -2.55
CA GLN B 137 -14.24 2.44 -1.78
C GLN B 137 -15.12 3.69 -1.63
N GLU B 138 -14.51 4.88 -1.51
CA GLU B 138 -15.27 6.12 -1.37
C GLU B 138 -16.17 6.35 -2.59
N LEU B 139 -15.61 6.23 -3.80
CA LEU B 139 -16.38 6.41 -5.03
C LEU B 139 -17.43 5.31 -5.17
N ALA B 140 -17.04 4.06 -4.88
CA ALA B 140 -17.94 2.90 -4.96
C ALA B 140 -19.19 3.15 -4.10
N GLU B 141 -18.98 3.65 -2.88
CA GLU B 141 -20.05 3.91 -1.92
C GLU B 141 -20.93 5.06 -2.43
N ALA B 142 -20.30 6.12 -2.94
CA ALA B 142 -21.03 7.28 -3.48
C ALA B 142 -21.97 6.82 -4.60
N ILE B 143 -21.46 5.97 -5.49
CA ILE B 143 -22.21 5.46 -6.62
C ILE B 143 -23.38 4.58 -6.12
N SER B 144 -23.12 3.72 -5.13
CA SER B 144 -24.18 2.90 -4.52
C SER B 144 -25.32 3.79 -3.99
N ALA B 145 -24.96 4.86 -3.28
CA ALA B 145 -25.93 5.80 -2.73
C ALA B 145 -26.69 6.50 -3.86
N ALA B 146 -25.97 6.84 -4.94
CA ALA B 146 -26.53 7.57 -6.09
C ALA B 146 -27.60 6.74 -6.80
N ARG B 147 -27.46 5.41 -6.80
CA ARG B 147 -28.38 4.47 -7.50
C ARG B 147 -29.82 4.64 -7.02
N HIS B 148 -30.00 5.13 -5.80
CA HIS B 148 -31.32 5.34 -5.18
C HIS B 148 -32.00 6.60 -5.71
N HIS B 149 -31.36 7.33 -6.65
CA HIS B 149 -31.91 8.59 -7.17
C HIS B 149 -31.70 8.67 -8.69
N ARG B 150 -32.52 9.51 -9.33
CA ARG B 150 -32.37 9.86 -10.73
C ARG B 150 -31.09 10.71 -10.91
N ARG B 151 -31.04 11.84 -10.18
CA ARG B 151 -29.88 12.73 -10.20
C ARG B 151 -29.44 13.00 -8.76
N SER B 152 -28.13 12.95 -8.53
CA SER B 152 -27.53 13.17 -7.21
C SER B 152 -26.11 13.71 -7.37
N PHE B 153 -25.56 14.29 -6.29
CA PHE B 153 -24.23 14.89 -6.30
C PHE B 153 -23.61 14.81 -4.91
N VAL B 154 -22.27 14.91 -4.89
CA VAL B 154 -21.47 15.06 -3.70
C VAL B 154 -20.82 16.43 -3.76
N ALA B 155 -21.06 17.25 -2.74
CA ALA B 155 -20.40 18.55 -2.61
C ALA B 155 -18.92 18.31 -2.29
N ASP B 156 -18.07 19.26 -2.67
CA ASP B 156 -16.63 19.17 -2.37
C ASP B 156 -16.42 19.60 -0.90
N ARG B 157 -15.16 19.50 -0.46
CA ARG B 157 -14.75 19.69 0.94
C ARG B 157 -15.27 21.02 1.50
N LEU B 158 -15.16 22.09 0.70
CA LEU B 158 -15.47 23.46 1.14
C LEU B 158 -16.93 23.82 0.86
N GLY B 159 -17.68 22.90 0.25
CA GLY B 159 -19.14 22.88 0.28
C GLY B 159 -19.80 23.59 -0.89
N THR B 160 -19.09 24.52 -1.54
CA THR B 160 -19.66 25.36 -2.59
C THR B 160 -19.57 24.69 -3.98
N GLY B 161 -18.59 23.79 -4.18
CA GLY B 161 -18.39 23.09 -5.47
C GLY B 161 -18.93 21.66 -5.45
N THR B 162 -18.73 20.94 -6.55
CA THR B 162 -19.25 19.58 -6.75
C THR B 162 -18.12 18.61 -7.09
N ALA B 163 -17.97 17.57 -6.27
CA ALA B 163 -16.96 16.51 -6.42
C ALA B 163 -17.41 15.49 -7.47
N VAL B 164 -18.72 15.17 -7.44
CA VAL B 164 -19.32 14.13 -8.26
C VAL B 164 -20.76 14.52 -8.58
N LEU B 165 -21.17 14.33 -9.84
CA LEU B 165 -22.56 14.42 -10.28
C LEU B 165 -22.95 13.10 -10.94
N CYS B 166 -24.12 12.57 -10.58
CA CYS B 166 -24.59 11.26 -10.99
C CYS B 166 -25.98 11.36 -11.63
N ALA B 167 -26.16 10.68 -12.76
CA ALA B 167 -27.43 10.59 -13.45
C ALA B 167 -27.69 9.14 -13.86
N PHE B 168 -28.79 8.58 -13.35
CA PHE B 168 -29.19 7.20 -13.64
C PHE B 168 -30.43 7.22 -14.54
N GLY B 169 -30.21 6.92 -15.82
CA GLY B 169 -31.28 6.79 -16.80
C GLY B 169 -31.94 8.10 -17.12
N THR B 170 -31.20 9.20 -16.97
CA THR B 170 -31.65 10.55 -17.30
C THR B 170 -30.43 11.41 -17.60
N ALA B 171 -30.66 12.57 -18.22
CA ALA B 171 -29.60 13.49 -18.62
C ALA B 171 -28.94 14.11 -17.38
N LEU B 172 -27.65 14.43 -17.50
CA LEU B 172 -26.86 14.94 -16.40
C LEU B 172 -27.31 16.36 -16.01
N HIS B 173 -27.54 17.21 -17.02
CA HIS B 173 -27.74 18.65 -16.84
C HIS B 173 -26.65 19.21 -15.93
N PRO B 174 -25.37 19.19 -16.36
CA PRO B 174 -24.26 19.61 -15.50
C PRO B 174 -24.27 21.12 -15.29
N ARG B 175 -23.94 21.53 -14.07
CA ARG B 175 -23.88 22.94 -13.67
C ARG B 175 -22.58 23.17 -12.90
N PHE B 176 -21.48 22.59 -13.39
CA PHE B 176 -20.17 22.75 -12.78
C PHE B 176 -19.70 24.19 -12.98
N GLY B 177 -18.74 24.62 -12.13
CA GLY B 177 -18.27 25.99 -12.09
C GLY B 177 -18.62 26.67 -10.76
N PRO B 178 -18.62 28.02 -10.70
CA PRO B 178 -18.92 28.73 -9.45
C PRO B 178 -20.28 28.31 -8.87
N ASP B 179 -20.29 28.00 -7.57
CA ASP B 179 -21.52 27.76 -6.82
C ASP B 179 -22.28 26.55 -7.39
N SER B 180 -21.55 25.51 -7.81
CA SER B 180 -22.13 24.36 -8.52
C SER B 180 -23.01 23.52 -7.57
N SER B 181 -22.62 23.42 -6.29
CA SER B 181 -23.41 22.66 -5.32
C SER B 181 -24.83 23.22 -5.24
N ALA B 182 -24.94 24.55 -5.10
CA ALA B 182 -26.25 25.23 -5.01
C ALA B 182 -27.05 25.02 -6.31
N ARG B 183 -26.35 25.17 -7.45
CA ARG B 183 -26.98 25.06 -8.76
C ARG B 183 -27.49 23.62 -8.97
N HIS B 184 -26.67 22.63 -8.60
CA HIS B 184 -27.06 21.23 -8.71
C HIS B 184 -28.29 20.95 -7.82
N ARG B 185 -28.25 21.47 -6.59
CA ARG B 185 -29.35 21.34 -5.63
C ARG B 185 -30.65 21.89 -6.24
N ARG B 186 -30.59 23.11 -6.79
CA ARG B 186 -31.75 23.77 -7.40
C ARG B 186 -32.30 22.91 -8.56
N SER B 187 -31.40 22.30 -9.32
CA SER B 187 -31.76 21.51 -10.51
C SER B 187 -32.49 20.22 -10.12
N GLY B 188 -32.49 19.87 -8.82
CA GLY B 188 -33.23 18.72 -8.31
C GLY B 188 -32.32 17.52 -8.06
N ALA B 189 -31.01 17.72 -8.19
CA ALA B 189 -30.04 16.68 -7.84
C ALA B 189 -29.99 16.57 -6.32
N VAL B 190 -30.15 15.34 -5.81
CA VAL B 190 -30.16 15.06 -4.39
C VAL B 190 -28.71 15.03 -3.87
N GLU B 191 -28.46 15.74 -2.76
CA GLU B 191 -27.14 15.78 -2.16
C GLU B 191 -26.93 14.51 -1.35
N LEU B 192 -25.83 13.80 -1.64
CA LEU B 192 -25.41 12.61 -0.92
C LEU B 192 -24.49 13.03 0.23
N THR B 193 -24.59 12.35 1.37
CA THR B 193 -24.08 12.88 2.65
C THR B 193 -22.94 12.06 3.29
N GLY B 194 -22.45 11.00 2.66
CA GLY B 194 -21.31 10.22 3.25
C GLY B 194 -20.02 11.03 3.40
N ALA B 195 -19.22 10.70 4.42
CA ALA B 195 -18.02 11.46 4.75
C ALA B 195 -17.07 11.51 3.55
N TRP B 196 -16.66 10.33 3.06
CA TRP B 196 -15.86 10.19 1.82
C TRP B 196 -14.87 11.35 1.67
N PRO B 197 -13.96 11.59 2.65
CA PRO B 197 -13.10 12.78 2.61
C PRO B 197 -12.23 12.87 1.35
N GLY B 198 -11.69 11.74 0.87
CA GLY B 198 -10.85 11.69 -0.33
C GLY B 198 -11.60 12.09 -1.60
N LEU B 199 -12.87 11.71 -1.67
CA LEU B 199 -13.77 12.06 -2.78
C LEU B 199 -14.06 13.56 -2.77
N ARG B 200 -14.17 14.16 -1.58
CA ARG B 200 -14.60 15.54 -1.45
C ARG B 200 -13.41 16.51 -1.62
N CYS B 201 -12.19 16.05 -1.36
CA CYS B 201 -11.04 16.93 -1.25
C CYS B 201 -10.45 17.21 -2.64
N ASP B 202 -11.15 18.05 -3.42
CA ASP B 202 -10.62 18.57 -4.66
C ASP B 202 -9.49 19.56 -4.34
N VAL B 203 -8.50 19.62 -5.24
CA VAL B 203 -7.28 20.38 -5.03
C VAL B 203 -7.17 21.47 -6.08
N ASP B 204 -7.50 22.71 -5.67
CA ASP B 204 -7.34 23.93 -6.44
C ASP B 204 -6.18 24.77 -5.88
N THR B 205 -6.15 24.92 -4.54
CA THR B 205 -5.23 25.82 -3.86
C THR B 205 -4.16 25.02 -3.12
N PRO B 206 -3.04 25.66 -2.72
CA PRO B 206 -2.05 25.01 -1.85
C PRO B 206 -2.65 24.42 -0.57
N ALA B 207 -3.60 25.16 0.03
CA ALA B 207 -4.30 24.71 1.25
C ALA B 207 -5.05 23.39 0.96
N ASP B 208 -5.72 23.31 -0.19
CA ASP B 208 -6.42 22.07 -0.59
C ASP B 208 -5.42 20.91 -0.67
N LEU B 209 -4.23 21.17 -1.23
CA LEU B 209 -3.22 20.13 -1.41
C LEU B 209 -2.70 19.66 -0.06
N THR B 210 -2.51 20.59 0.88
CA THR B 210 -2.03 20.26 2.23
C THR B 210 -3.05 19.32 2.89
N ALA B 211 -4.35 19.66 2.79
CA ALA B 211 -5.44 18.83 3.34
C ALA B 211 -5.42 17.43 2.70
N ALA B 212 -5.27 17.36 1.37
CA ALA B 212 -5.25 16.09 0.65
C ALA B 212 -4.07 15.23 1.15
N ARG B 213 -2.90 15.85 1.34
CA ARG B 213 -1.69 15.14 1.74
C ARG B 213 -1.87 14.53 3.14
N GLN B 214 -2.63 15.19 4.01
CA GLN B 214 -2.94 14.64 5.34
C GLN B 214 -3.88 13.44 5.21
N LEU B 215 -4.81 13.45 4.25
CA LEU B 215 -5.70 12.31 3.99
C LEU B 215 -4.90 11.13 3.43
N GLY B 216 -3.88 11.46 2.62
CA GLY B 216 -3.02 10.49 1.97
C GLY B 216 -3.22 10.51 0.47
N VAL B 217 -2.26 11.08 -0.26
CA VAL B 217 -2.32 11.15 -1.72
C VAL B 217 -1.71 9.88 -2.31
N GLY B 218 -2.11 9.57 -3.55
CA GLY B 218 -1.56 8.45 -4.27
C GLY B 218 -0.10 8.67 -4.65
N PRO B 219 0.58 7.62 -5.17
CA PRO B 219 2.02 7.69 -5.44
C PRO B 219 2.45 8.70 -6.52
N ALA B 220 1.59 8.97 -7.51
CA ALA B 220 1.96 9.92 -8.58
C ALA B 220 2.07 11.32 -7.99
N THR B 221 1.09 11.73 -7.17
CA THR B 221 1.07 13.04 -6.54
C THR B 221 2.22 13.14 -5.52
N ALA B 222 2.43 12.07 -4.74
CA ALA B 222 3.56 12.02 -3.79
C ALA B 222 4.87 12.34 -4.50
N ARG B 223 5.10 11.70 -5.65
CA ARG B 223 6.31 11.87 -6.43
C ARG B 223 6.41 13.32 -6.95
N ALA B 224 5.29 13.85 -7.48
CA ALA B 224 5.29 15.18 -8.10
C ALA B 224 5.57 16.28 -7.06
N VAL B 225 5.03 16.15 -5.83
CA VAL B 225 5.19 17.20 -4.81
C VAL B 225 6.61 17.15 -4.20
N ALA B 226 7.32 16.04 -4.36
CA ALA B 226 8.68 15.91 -3.87
C ALA B 226 9.67 16.73 -4.72
N HIS B 227 9.24 17.15 -5.93
CA HIS B 227 10.00 18.05 -6.82
C HIS B 227 9.25 19.37 -7.00
N ASP C 21 29.01 -28.08 -7.77
CA ASP C 21 28.12 -29.29 -7.71
C ASP C 21 26.70 -28.86 -7.34
N GLY C 22 26.13 -27.94 -8.14
CA GLY C 22 24.77 -27.44 -7.96
C GLY C 22 23.74 -28.53 -8.13
N ASP C 23 22.70 -28.53 -7.27
CA ASP C 23 21.67 -29.57 -7.27
C ASP C 23 20.26 -28.97 -7.33
N ILE C 24 20.16 -27.63 -7.43
CA ILE C 24 18.86 -26.95 -7.38
C ILE C 24 18.46 -26.54 -8.79
N GLY C 25 17.25 -26.94 -9.20
CA GLY C 25 16.58 -26.42 -10.38
C GLY C 25 15.70 -25.26 -10.01
N LEU C 26 16.12 -24.03 -10.35
CA LEU C 26 15.38 -22.82 -10.03
C LEU C 26 14.41 -22.49 -11.17
N ILE C 27 13.16 -22.16 -10.80
CA ILE C 27 12.12 -21.78 -11.74
C ILE C 27 11.67 -20.35 -11.41
N ILE C 28 11.58 -19.52 -12.46
CA ILE C 28 10.93 -18.22 -12.40
C ILE C 28 9.84 -18.18 -13.47
N ALA C 29 8.62 -17.81 -13.06
CA ALA C 29 7.50 -17.62 -13.96
C ALA C 29 7.26 -16.12 -14.14
N VAL C 30 7.10 -15.70 -15.41
CA VAL C 30 6.72 -14.34 -15.75
C VAL C 30 5.42 -14.39 -16.56
N LYS C 31 4.36 -13.82 -15.98
CA LYS C 31 2.98 -14.09 -16.34
C LYS C 31 2.57 -13.29 -17.58
N ARG C 32 1.44 -13.70 -18.16
CA ARG C 32 0.82 -13.03 -19.29
C ARG C 32 0.59 -11.57 -18.93
N LEU C 33 0.93 -10.67 -19.88
CA LEU C 33 0.48 -9.27 -19.94
C LEU C 33 0.94 -8.49 -18.70
N ALA C 34 2.19 -8.75 -18.29
CA ALA C 34 2.71 -8.28 -17.00
C ALA C 34 2.76 -6.76 -16.97
N ALA C 35 3.10 -6.15 -18.11
CA ALA C 35 3.26 -4.67 -18.22
C ALA C 35 1.88 -3.98 -18.21
N ALA C 36 0.86 -4.66 -18.76
CA ALA C 36 -0.51 -4.11 -18.82
C ALA C 36 -1.16 -4.25 -17.45
N LYS C 37 -0.87 -5.35 -16.75
CA LYS C 37 -1.45 -5.65 -15.44
C LYS C 37 -0.75 -4.86 -14.34
N THR C 38 0.42 -4.26 -14.60
CA THR C 38 1.28 -3.79 -13.52
C THR C 38 0.64 -2.61 -12.73
N ARG C 39 0.63 -2.78 -11.42
CA ARG C 39 0.22 -1.73 -10.51
C ARG C 39 1.27 -0.61 -10.44
N LEU C 40 2.30 -0.66 -11.29
CA LEU C 40 3.30 0.39 -11.38
C LEU C 40 2.88 1.49 -12.37
N ALA C 41 1.71 1.34 -13.02
CA ALA C 41 1.23 2.27 -14.05
C ALA C 41 1.18 3.73 -13.55
N PRO C 42 0.80 4.03 -12.29
CA PRO C 42 0.74 5.41 -11.83
C PRO C 42 2.07 6.20 -11.87
N VAL C 43 3.21 5.49 -11.89
CA VAL C 43 4.51 6.17 -11.85
C VAL C 43 5.41 5.75 -13.04
N PHE C 44 4.85 5.04 -14.02
CA PHE C 44 5.58 4.79 -15.29
C PHE C 44 4.62 4.94 -16.48
N SER C 45 5.09 5.66 -17.50
CA SER C 45 4.36 5.81 -18.77
C SER C 45 4.11 4.43 -19.37
N ALA C 46 3.03 4.30 -20.15
CA ALA C 46 2.61 3.03 -20.76
C ALA C 46 3.77 2.40 -21.55
N GLN C 47 4.51 3.23 -22.29
CA GLN C 47 5.58 2.84 -23.18
C GLN C 47 6.75 2.22 -22.41
N THR C 48 6.97 2.58 -21.14
CA THR C 48 8.19 2.16 -20.40
C THR C 48 7.90 1.07 -19.34
N ARG C 49 6.65 0.65 -19.20
CA ARG C 49 6.27 -0.30 -18.15
C ARG C 49 6.94 -1.65 -18.39
N GLU C 50 6.93 -2.12 -19.64
CA GLU C 50 7.58 -3.38 -20.02
C GLU C 50 9.05 -3.36 -19.62
N ASN C 51 9.71 -2.21 -19.81
CA ASN C 51 11.13 -2.07 -19.52
C ASN C 51 11.41 -2.25 -18.02
N VAL C 52 10.53 -1.75 -17.16
CA VAL C 52 10.76 -1.87 -15.72
C VAL C 52 10.50 -3.33 -15.30
N VAL C 53 9.49 -3.97 -15.88
CA VAL C 53 9.20 -5.38 -15.58
C VAL C 53 10.40 -6.25 -15.96
N LEU C 54 10.94 -6.04 -17.17
CA LEU C 54 12.10 -6.78 -17.68
C LEU C 54 13.31 -6.52 -16.77
N ALA C 55 13.53 -5.27 -16.38
CA ALA C 55 14.68 -4.87 -15.56
C ALA C 55 14.66 -5.58 -14.21
N MET C 56 13.46 -5.66 -13.61
CA MET C 56 13.32 -6.33 -12.34
C MET C 56 13.63 -7.84 -12.47
N LEU C 57 13.21 -8.44 -13.59
CA LEU C 57 13.54 -9.84 -13.92
C LEU C 57 15.05 -10.01 -14.06
N VAL C 58 15.69 -9.09 -14.78
CA VAL C 58 17.13 -9.13 -15.06
C VAL C 58 17.90 -9.08 -13.74
N ASP C 59 17.52 -8.15 -12.85
CA ASP C 59 18.20 -8.01 -11.58
C ASP C 59 17.98 -9.25 -10.71
N THR C 60 16.76 -9.80 -10.73
CA THR C 60 16.45 -11.02 -9.97
C THR C 60 17.33 -12.18 -10.48
N LEU C 61 17.37 -12.38 -11.80
CA LEU C 61 18.13 -13.45 -12.44
C LEU C 61 19.62 -13.30 -12.12
N THR C 62 20.12 -12.07 -12.16
CA THR C 62 21.54 -11.79 -11.99
C THR C 62 21.95 -12.17 -10.58
N ALA C 63 21.16 -11.76 -9.58
CA ALA C 63 21.43 -12.08 -8.18
C ALA C 63 21.35 -13.59 -7.96
N ALA C 64 20.33 -14.23 -8.53
CA ALA C 64 20.08 -15.66 -8.36
C ALA C 64 21.23 -16.50 -8.95
N ALA C 65 21.77 -16.06 -10.10
CA ALA C 65 22.79 -16.81 -10.83
C ALA C 65 24.09 -16.93 -10.04
N GLY C 66 24.27 -16.08 -9.03
CA GLY C 66 25.44 -16.12 -8.15
C GLY C 66 25.38 -17.23 -7.11
N VAL C 67 24.21 -17.86 -6.95
CA VAL C 67 23.99 -18.88 -5.92
C VAL C 67 24.62 -20.21 -6.39
N GLY C 68 25.64 -20.67 -5.64
CA GLY C 68 26.45 -21.84 -5.98
C GLY C 68 25.67 -23.14 -6.07
N SER C 69 24.58 -23.24 -5.30
CA SER C 69 23.80 -24.49 -5.20
C SER C 69 22.91 -24.72 -6.44
N LEU C 70 22.78 -23.70 -7.30
CA LEU C 70 21.93 -23.83 -8.49
C LEU C 70 22.61 -24.71 -9.55
N ARG C 71 21.84 -25.66 -10.07
CA ARG C 71 22.21 -26.49 -11.21
C ARG C 71 21.75 -25.80 -12.50
N SER C 72 20.54 -25.21 -12.46
CA SER C 72 19.96 -24.53 -13.61
C SER C 72 18.99 -23.43 -13.16
N ILE C 73 18.72 -22.51 -14.07
CA ILE C 73 17.66 -21.54 -13.98
C ILE C 73 16.79 -21.67 -15.22
N THR C 74 15.49 -21.86 -14.99
CA THR C 74 14.50 -21.95 -16.05
C THR C 74 13.45 -20.85 -15.85
N VAL C 75 13.23 -20.05 -16.90
CA VAL C 75 12.21 -19.02 -16.91
C VAL C 75 11.08 -19.48 -17.82
N ILE C 76 9.86 -19.53 -17.29
CA ILE C 76 8.69 -19.86 -18.11
C ILE C 76 7.85 -18.58 -18.29
N THR C 77 7.55 -18.25 -19.56
CA THR C 77 6.84 -17.03 -19.88
C THR C 77 6.26 -17.09 -21.28
N PRO C 78 5.05 -16.52 -21.53
CA PRO C 78 4.56 -16.26 -22.89
C PRO C 78 5.00 -14.92 -23.47
N ASP C 79 5.74 -14.11 -22.68
CA ASP C 79 6.25 -12.80 -23.09
C ASP C 79 7.63 -12.98 -23.75
N GLU C 80 7.68 -12.77 -25.05
CA GLU C 80 8.89 -13.02 -25.85
C GLU C 80 10.02 -12.08 -25.45
N ALA C 81 9.70 -10.87 -24.97
CA ALA C 81 10.72 -9.92 -24.51
C ALA C 81 11.37 -10.44 -23.22
N ALA C 82 10.56 -10.94 -22.29
CA ALA C 82 11.04 -11.55 -21.05
C ALA C 82 11.87 -12.80 -21.37
N ALA C 83 11.37 -13.59 -22.34
CA ALA C 83 12.06 -14.81 -22.77
C ALA C 83 13.47 -14.46 -23.28
N ALA C 84 13.54 -13.48 -24.18
CA ALA C 84 14.80 -13.05 -24.78
C ALA C 84 15.78 -12.57 -23.70
N ALA C 85 15.27 -11.78 -22.73
CA ALA C 85 16.10 -11.23 -21.66
C ALA C 85 16.72 -12.36 -20.83
N ALA C 86 15.88 -13.33 -20.44
CA ALA C 86 16.33 -14.46 -19.63
C ALA C 86 17.34 -15.32 -20.38
N ALA C 87 17.01 -15.65 -21.64
CA ALA C 87 17.87 -16.49 -22.50
C ALA C 87 19.22 -15.79 -22.72
N GLY C 88 19.17 -14.46 -22.90
CA GLY C 88 20.34 -13.62 -23.09
C GLY C 88 21.27 -13.59 -21.88
N LEU C 89 20.78 -14.01 -20.70
CA LEU C 89 21.61 -14.11 -19.49
C LEU C 89 22.01 -15.56 -19.21
N GLY C 90 21.67 -16.49 -20.11
CA GLY C 90 22.11 -17.88 -20.02
C GLY C 90 21.14 -18.77 -19.26
N ALA C 91 19.90 -18.30 -19.07
CA ALA C 91 18.86 -19.12 -18.48
C ALA C 91 18.27 -20.03 -19.56
N ASP C 92 17.77 -21.19 -19.12
CA ASP C 92 16.83 -21.97 -19.88
C ASP C 92 15.50 -21.21 -19.94
N VAL C 93 14.76 -21.35 -21.05
CA VAL C 93 13.49 -20.69 -21.22
C VAL C 93 12.48 -21.71 -21.74
N LEU C 94 11.27 -21.66 -21.18
CA LEU C 94 10.13 -22.42 -21.66
C LEU C 94 9.04 -21.44 -22.08
N ALA C 95 8.50 -21.62 -23.29
CA ALA C 95 7.27 -20.96 -23.69
C ALA C 95 6.14 -21.49 -22.81
N ASP C 96 5.32 -20.59 -22.30
CA ASP C 96 4.22 -20.90 -21.41
C ASP C 96 2.99 -21.30 -22.24
N PRO C 97 2.57 -22.59 -22.21
CA PRO C 97 1.43 -23.05 -23.00
C PRO C 97 0.07 -22.95 -22.29
N THR C 98 0.05 -22.48 -21.04
CA THR C 98 -1.21 -22.24 -20.30
C THR C 98 -2.11 -21.35 -21.15
N PRO C 99 -3.38 -21.75 -21.43
CA PRO C 99 -4.28 -20.93 -22.24
C PRO C 99 -4.54 -19.54 -21.63
N GLU C 100 -5.12 -18.65 -22.44
CA GLU C 100 -5.43 -17.28 -22.01
C GLU C 100 -6.60 -17.29 -21.03
N ASP C 101 -7.46 -18.31 -21.11
CA ASP C 101 -8.70 -18.38 -20.33
C ASP C 101 -8.54 -19.32 -19.12
N ASP C 102 -7.32 -19.82 -18.90
CA ASP C 102 -7.01 -20.75 -17.81
C ASP C 102 -7.37 -20.10 -16.48
N PRO C 103 -8.19 -20.75 -15.62
CA PRO C 103 -8.59 -20.19 -14.32
C PRO C 103 -7.45 -19.87 -13.33
N ASP C 104 -6.32 -20.60 -13.45
CA ASP C 104 -5.20 -20.49 -12.51
C ASP C 104 -3.88 -20.45 -13.30
N PRO C 105 -3.61 -19.37 -14.05
CA PRO C 105 -2.51 -19.34 -15.01
C PRO C 105 -1.10 -19.45 -14.37
N LEU C 106 -0.95 -18.94 -13.15
CA LEU C 106 0.35 -18.86 -12.50
C LEU C 106 0.82 -20.27 -12.14
N ASN C 107 -0.03 -21.02 -11.44
CA ASN C 107 0.30 -22.34 -10.95
C ASN C 107 0.38 -23.34 -12.10
N THR C 108 -0.43 -23.13 -13.15
CA THR C 108 -0.39 -23.97 -14.35
C THR C 108 1.01 -23.87 -14.99
N ALA C 109 1.51 -22.63 -15.12
CA ALA C 109 2.82 -22.37 -15.69
C ALA C 109 3.92 -23.05 -14.84
N ILE C 110 3.82 -22.91 -13.51
CA ILE C 110 4.85 -23.44 -12.61
C ILE C 110 4.87 -24.96 -12.69
N THR C 111 3.68 -25.58 -12.70
CA THR C 111 3.54 -27.03 -12.78
C THR C 111 4.14 -27.53 -14.11
N ALA C 112 3.91 -26.78 -15.20
CA ALA C 112 4.44 -27.13 -16.52
C ALA C 112 5.97 -27.08 -16.51
N ALA C 113 6.53 -26.00 -15.94
CA ALA C 113 7.98 -25.85 -15.84
C ALA C 113 8.55 -26.98 -14.96
N GLU C 114 7.85 -27.28 -13.86
CA GLU C 114 8.28 -28.31 -12.91
C GLU C 114 8.46 -29.67 -13.62
N ARG C 115 7.50 -30.03 -14.48
CA ARG C 115 7.55 -31.31 -15.20
C ARG C 115 8.84 -31.41 -16.01
N VAL C 116 9.27 -30.29 -16.61
CA VAL C 116 10.47 -30.24 -17.43
C VAL C 116 11.72 -30.29 -16.54
N VAL C 117 11.74 -29.44 -15.50
CA VAL C 117 12.92 -29.28 -14.66
C VAL C 117 13.17 -30.57 -13.86
N ALA C 118 12.09 -31.26 -13.50
CA ALA C 118 12.15 -32.51 -12.71
C ALA C 118 12.98 -33.57 -13.44
N GLU C 119 13.05 -33.50 -14.78
CA GLU C 119 13.84 -34.47 -15.56
C GLU C 119 15.32 -34.38 -15.15
N GLY C 120 15.79 -33.19 -14.75
CA GLY C 120 17.22 -32.93 -14.52
C GLY C 120 17.58 -32.57 -13.08
N ALA C 121 16.59 -32.40 -12.20
CA ALA C 121 16.86 -32.05 -10.80
C ALA C 121 15.77 -32.64 -9.90
N SER C 122 16.19 -33.10 -8.71
CA SER C 122 15.30 -33.65 -7.68
C SER C 122 14.81 -32.52 -6.76
N ASN C 123 15.58 -31.42 -6.69
CA ASN C 123 15.31 -30.32 -5.78
C ASN C 123 15.02 -29.06 -6.59
N ILE C 124 13.80 -28.53 -6.44
CA ILE C 124 13.28 -27.47 -7.28
C ILE C 124 12.82 -26.32 -6.38
N VAL C 125 13.15 -25.10 -6.81
CA VAL C 125 12.86 -23.87 -6.10
C VAL C 125 12.20 -22.91 -7.08
N VAL C 126 11.01 -22.41 -6.72
CA VAL C 126 10.29 -21.39 -7.49
C VAL C 126 10.52 -20.02 -6.83
N LEU C 127 10.98 -19.06 -7.62
CA LEU C 127 11.32 -17.71 -7.20
C LEU C 127 10.49 -16.71 -8.00
N GLN C 128 9.98 -15.67 -7.33
CA GLN C 128 9.31 -14.56 -8.00
C GLN C 128 10.34 -13.81 -8.86
N GLY C 129 9.87 -13.24 -9.98
CA GLY C 129 10.73 -12.55 -10.96
C GLY C 129 10.71 -11.04 -10.79
N ASP C 130 10.19 -10.57 -9.65
CA ASP C 130 10.04 -9.14 -9.38
C ASP C 130 10.70 -8.82 -8.03
N LEU C 131 11.97 -9.24 -7.87
CA LEU C 131 12.74 -9.04 -6.65
C LEU C 131 14.00 -8.24 -6.96
N PRO C 132 13.89 -6.96 -7.40
CA PRO C 132 15.04 -6.21 -7.87
C PRO C 132 16.10 -5.89 -6.79
N ALA C 133 15.71 -5.98 -5.51
CA ALA C 133 16.65 -5.75 -4.40
C ALA C 133 17.25 -7.07 -3.88
N LEU C 134 16.97 -8.19 -4.55
CA LEU C 134 17.49 -9.49 -4.10
C LEU C 134 19.03 -9.44 -4.10
N GLN C 135 19.62 -9.96 -3.02
CA GLN C 135 21.06 -10.20 -2.91
C GLN C 135 21.30 -11.71 -2.98
N THR C 136 22.36 -12.10 -3.71
CA THR C 136 22.72 -13.51 -3.91
C THR C 136 22.67 -14.28 -2.58
N GLN C 137 23.35 -13.74 -1.57
CA GLN C 137 23.51 -14.37 -0.24
C GLN C 137 22.12 -14.70 0.36
N GLU C 138 21.14 -13.82 0.15
CA GLU C 138 19.80 -14.01 0.71
C GLU C 138 19.17 -15.31 0.17
N LEU C 139 19.23 -15.49 -1.15
CA LEU C 139 18.65 -16.70 -1.78
C LEU C 139 19.45 -17.93 -1.35
N ALA C 140 20.79 -17.82 -1.33
CA ALA C 140 21.67 -18.93 -0.93
C ALA C 140 21.27 -19.44 0.45
N GLU C 141 21.06 -18.50 1.39
CA GLU C 141 20.70 -18.81 2.76
C GLU C 141 19.32 -19.44 2.83
N ALA C 142 18.36 -18.87 2.08
CA ALA C 142 16.99 -19.39 2.04
C ALA C 142 17.00 -20.86 1.60
N ILE C 143 17.78 -21.15 0.55
CA ILE C 143 17.88 -22.49 0.00
C ILE C 143 18.52 -23.43 1.04
N SER C 144 19.58 -22.97 1.72
CA SER C 144 20.23 -23.76 2.78
C SER C 144 19.21 -24.14 3.86
N ALA C 145 18.39 -23.17 4.29
CA ALA C 145 17.37 -23.40 5.30
C ALA C 145 16.32 -24.39 4.77
N ALA C 146 15.95 -24.24 3.50
CA ALA C 146 14.91 -25.06 2.85
C ALA C 146 15.32 -26.54 2.81
N ARG C 147 16.63 -26.83 2.71
CA ARG C 147 17.17 -28.20 2.60
C ARG C 147 16.70 -29.10 3.76
N HIS C 148 16.39 -28.47 4.90
CA HIS C 148 16.00 -29.17 6.13
C HIS C 148 14.53 -29.57 6.10
N HIS C 149 13.84 -29.29 4.99
CA HIS C 149 12.40 -29.61 4.88
C HIS C 149 12.11 -30.18 3.48
N ARG C 150 11.03 -30.96 3.40
CA ARG C 150 10.54 -31.50 2.15
C ARG C 150 9.95 -30.36 1.32
N ARG C 151 8.98 -29.63 1.90
CA ARG C 151 8.42 -28.43 1.30
C ARG C 151 8.53 -27.26 2.28
N SER C 152 8.94 -26.09 1.75
CA SER C 152 9.11 -24.87 2.54
C SER C 152 8.90 -23.65 1.64
N PHE C 153 8.68 -22.48 2.27
CA PHE C 153 8.43 -21.24 1.54
C PHE C 153 8.90 -20.05 2.37
N VAL C 154 9.14 -18.94 1.64
CA VAL C 154 9.40 -17.64 2.22
C VAL C 154 8.23 -16.73 1.86
N ALA C 155 7.58 -16.17 2.87
CA ALA C 155 6.51 -15.21 2.66
C ALA C 155 7.13 -13.90 2.16
N ASP C 156 6.37 -13.12 1.40
CA ASP C 156 6.84 -11.82 0.92
C ASP C 156 6.72 -10.80 2.07
N ARG C 157 7.17 -9.58 1.81
CA ARG C 157 7.34 -8.51 2.81
C ARG C 157 6.04 -8.29 3.62
N LEU C 158 4.89 -8.26 2.94
CA LEU C 158 3.62 -7.91 3.60
C LEU C 158 2.89 -9.16 4.10
N GLY C 159 3.45 -10.34 3.80
CA GLY C 159 3.11 -11.57 4.51
C GLY C 159 1.96 -12.36 3.89
N THR C 160 1.25 -11.78 2.91
CA THR C 160 0.11 -12.46 2.27
C THR C 160 0.57 -13.38 1.12
N GLY C 161 1.70 -13.03 0.48
CA GLY C 161 2.18 -13.69 -0.74
C GLY C 161 3.42 -14.53 -0.47
N THR C 162 3.96 -15.13 -1.54
CA THR C 162 5.09 -16.08 -1.45
C THR C 162 6.23 -15.63 -2.38
N ALA C 163 7.40 -15.38 -1.79
CA ALA C 163 8.60 -14.98 -2.51
C ALA C 163 9.29 -16.20 -3.14
N VAL C 164 9.30 -17.32 -2.40
CA VAL C 164 10.03 -18.52 -2.77
C VAL C 164 9.24 -19.74 -2.27
N LEU C 165 9.15 -20.77 -3.12
CA LEU C 165 8.63 -22.09 -2.74
C LEU C 165 9.68 -23.14 -3.09
N CYS C 166 9.94 -24.04 -2.14
CA CYS C 166 11.02 -25.03 -2.24
C CYS C 166 10.49 -26.45 -2.02
N ALA C 167 10.93 -27.37 -2.89
CA ALA C 167 10.58 -28.77 -2.80
C ALA C 167 11.84 -29.62 -3.00
N PHE C 168 12.19 -30.40 -1.98
CA PHE C 168 13.36 -31.28 -2.00
C PHE C 168 12.89 -32.73 -2.08
N GLY C 169 13.01 -33.32 -3.28
CA GLY C 169 12.67 -34.70 -3.54
C GLY C 169 11.18 -34.98 -3.44
N THR C 170 10.35 -33.96 -3.68
CA THR C 170 8.89 -34.12 -3.72
C THR C 170 8.28 -33.05 -4.62
N ALA C 171 7.00 -33.21 -4.97
CA ALA C 171 6.30 -32.28 -5.85
C ALA C 171 6.11 -30.92 -5.16
N LEU C 172 6.09 -29.84 -5.95
CA LEU C 172 5.97 -28.48 -5.44
C LEU C 172 4.58 -28.25 -4.86
N HIS C 173 3.54 -28.72 -5.56
CA HIS C 173 2.13 -28.38 -5.26
C HIS C 173 2.01 -26.86 -5.08
N PRO C 174 2.24 -26.06 -6.13
CA PRO C 174 2.26 -24.61 -6.01
C PRO C 174 0.84 -24.06 -5.78
N ARG C 175 0.74 -23.04 -4.92
CA ARG C 175 -0.51 -22.38 -4.59
C ARG C 175 -0.29 -20.86 -4.65
N PHE C 176 0.44 -20.41 -5.68
CA PHE C 176 0.72 -18.99 -5.88
C PHE C 176 -0.58 -18.29 -6.28
N GLY C 177 -0.59 -16.96 -6.12
CA GLY C 177 -1.76 -16.13 -6.34
C GLY C 177 -2.26 -15.51 -5.02
N PRO C 178 -3.54 -15.09 -4.95
CA PRO C 178 -4.09 -14.50 -3.74
C PRO C 178 -3.90 -15.41 -2.51
N ASP C 179 -3.38 -14.84 -1.43
CA ASP C 179 -3.31 -15.50 -0.12
C ASP C 179 -2.42 -16.76 -0.20
N SER C 180 -1.33 -16.69 -0.98
CA SER C 180 -0.49 -17.86 -1.27
C SER C 180 0.27 -18.33 -0.02
N SER C 181 0.68 -17.39 0.84
CA SER C 181 1.39 -17.73 2.08
C SER C 181 0.53 -18.69 2.91
N ALA C 182 -0.73 -18.31 3.13
CA ALA C 182 -1.66 -19.10 3.94
C ALA C 182 -1.91 -20.46 3.28
N ARG C 183 -2.08 -20.46 1.97
CA ARG C 183 -2.37 -21.66 1.20
C ARG C 183 -1.17 -22.61 1.26
N HIS C 184 0.04 -22.07 1.10
CA HIS C 184 1.27 -22.87 1.19
C HIS C 184 1.39 -23.48 2.59
N ARG C 185 1.12 -22.66 3.62
CA ARG C 185 1.17 -23.09 5.02
C ARG C 185 0.21 -24.28 5.23
N ARG C 186 -1.03 -24.13 4.76
CA ARG C 186 -2.06 -25.19 4.91
C ARG C 186 -1.60 -26.47 4.22
N SER C 187 -0.93 -26.35 3.07
CA SER C 187 -0.47 -27.48 2.26
C SER C 187 0.65 -28.26 2.98
N GLY C 188 1.21 -27.69 4.05
CA GLY C 188 2.24 -28.36 4.85
C GLY C 188 3.64 -27.87 4.52
N ALA C 189 3.74 -26.82 3.69
CA ALA C 189 5.02 -26.17 3.44
C ALA C 189 5.41 -25.38 4.69
N VAL C 190 6.64 -25.60 5.17
CA VAL C 190 7.14 -24.96 6.38
C VAL C 190 7.62 -23.55 6.03
N GLU C 191 7.20 -22.56 6.82
CA GLU C 191 7.61 -21.17 6.61
C GLU C 191 9.03 -20.98 7.16
N LEU C 192 9.92 -20.47 6.30
CA LEU C 192 11.29 -20.12 6.67
C LEU C 192 11.32 -18.67 7.15
N THR C 193 12.18 -18.37 8.14
CA THR C 193 12.01 -17.17 8.98
C THR C 193 13.15 -16.14 8.90
N GLY C 194 14.18 -16.35 8.07
CA GLY C 194 15.29 -15.36 7.94
C GLY C 194 14.83 -14.01 7.39
N ALA C 195 15.53 -12.95 7.80
CA ALA C 195 15.16 -11.57 7.46
C ALA C 195 15.09 -11.40 5.93
N TRP C 196 16.21 -11.67 5.26
CA TRP C 196 16.31 -11.69 3.79
C TRP C 196 15.41 -10.62 3.15
N PRO C 197 15.57 -9.32 3.50
CA PRO C 197 14.63 -8.30 3.04
C PRO C 197 14.52 -8.21 1.50
N GLY C 198 15.64 -8.36 0.78
CA GLY C 198 15.67 -8.30 -0.68
C GLY C 198 14.88 -9.42 -1.33
N LEU C 199 14.92 -10.61 -0.72
CA LEU C 199 14.18 -11.79 -1.16
C LEU C 199 12.67 -11.58 -0.95
N ARG C 200 12.29 -10.88 0.11
CA ARG C 200 10.89 -10.76 0.52
C ARG C 200 10.21 -9.59 -0.21
N CYS C 201 11.01 -8.61 -0.68
CA CYS C 201 10.46 -7.37 -1.21
C CYS C 201 10.09 -7.54 -2.70
N ASP C 202 9.00 -8.24 -2.95
CA ASP C 202 8.40 -8.32 -4.29
C ASP C 202 7.80 -6.96 -4.64
N VAL C 203 7.86 -6.60 -5.93
CA VAL C 203 7.48 -5.26 -6.38
C VAL C 203 6.30 -5.38 -7.35
N ASP C 204 5.10 -5.04 -6.83
CA ASP C 204 3.90 -4.89 -7.66
C ASP C 204 3.47 -3.42 -7.69
N THR C 205 3.50 -2.74 -6.54
CA THR C 205 2.97 -1.39 -6.39
C THR C 205 4.10 -0.38 -6.29
N PRO C 206 3.83 0.93 -6.52
CA PRO C 206 4.84 1.97 -6.32
C PRO C 206 5.44 1.94 -4.90
N ALA C 207 4.59 1.68 -3.89
CA ALA C 207 5.04 1.56 -2.50
C ALA C 207 6.09 0.44 -2.37
N ASP C 208 5.83 -0.71 -3.01
CA ASP C 208 6.77 -1.84 -3.01
C ASP C 208 8.11 -1.39 -3.61
N LEU C 209 8.05 -0.63 -4.72
CA LEU C 209 9.25 -0.20 -5.42
C LEU C 209 10.06 0.77 -4.56
N THR C 210 9.36 1.67 -3.83
CA THR C 210 10.03 2.62 -2.95
C THR C 210 10.82 1.85 -1.88
N ALA C 211 10.18 0.86 -1.27
CA ALA C 211 10.80 0.00 -0.25
C ALA C 211 12.04 -0.71 -0.83
N ALA C 212 11.90 -1.27 -2.03
CA ALA C 212 12.98 -2.00 -2.68
C ALA C 212 14.17 -1.07 -2.94
N ARG C 213 13.88 0.15 -3.41
CA ARG C 213 14.94 1.12 -3.75
C ARG C 213 15.71 1.53 -2.49
N GLN C 214 15.06 1.54 -1.32
CA GLN C 214 15.75 1.82 -0.06
C GLN C 214 16.70 0.67 0.29
N LEU C 215 16.31 -0.57 -0.03
CA LEU C 215 17.17 -1.75 0.21
C LEU C 215 18.37 -1.70 -0.75
N GLY C 216 18.12 -1.21 -1.97
CA GLY C 216 19.10 -1.16 -3.03
C GLY C 216 18.74 -2.12 -4.14
N VAL C 217 18.28 -1.56 -5.27
CA VAL C 217 17.92 -2.36 -6.44
C VAL C 217 19.17 -2.55 -7.30
N GLY C 218 19.16 -3.59 -8.12
CA GLY C 218 20.24 -3.87 -9.04
C GLY C 218 20.32 -2.82 -10.15
N PRO C 219 21.39 -2.86 -10.98
CA PRO C 219 21.64 -1.83 -12.00
C PRO C 219 20.57 -1.69 -13.11
N ALA C 220 19.90 -2.78 -13.46
CA ALA C 220 18.90 -2.74 -14.53
C ALA C 220 17.70 -1.91 -14.07
N THR C 221 17.23 -2.18 -12.84
CA THR C 221 16.09 -1.47 -12.27
C THR C 221 16.49 -0.02 -11.97
N ALA C 222 17.71 0.20 -11.47
CA ALA C 222 18.24 1.57 -11.23
C ALA C 222 18.14 2.39 -12.52
N ARG C 223 18.57 1.82 -13.63
CA ARG C 223 18.54 2.48 -14.93
C ARG C 223 17.08 2.75 -15.35
N ALA C 224 16.21 1.77 -15.18
CA ALA C 224 14.80 1.87 -15.62
C ALA C 224 14.07 2.98 -14.85
N VAL C 225 14.32 3.13 -13.54
CA VAL C 225 13.58 4.11 -12.72
C VAL C 225 14.08 5.54 -12.99
N ALA C 226 15.29 5.69 -13.56
CA ALA C 226 15.75 6.98 -14.07
C ALA C 226 15.65 6.99 -15.61
#